data_6FBQ
#
_entry.id   6FBQ
#
_cell.length_a   103.333
_cell.length_b   44.257
_cell.length_c   62.137
_cell.angle_alpha   90.000
_cell.angle_beta   98.310
_cell.angle_gamma   90.000
#
_symmetry.space_group_name_H-M   'C 1 2 1'
#
loop_
_entity.id
_entity.type
_entity.pdbx_description
1 polymer 'Retinoic acid receptor RXR-alpha'
2 polymer "DNA (5'-D(*CP*TP*GP*GP*GP*TP*CP*AP*AP*AP*GP*TP*TP*CP*AP*TP*C)-3')"
3 polymer "DNA (5'-D(*GP*AP*TP*GP*AP*AP*CP*TP*TP*TP*GP*AP*CP*CP*CP*AP*G)-3')"
4 non-polymer 'ZINC ION'
5 non-polymer '3[N-MORPHOLINO]PROPANE SULFONIC ACID'
6 water water
#
loop_
_entity_poly.entity_id
_entity_poly.type
_entity_poly.pdbx_seq_one_letter_code
_entity_poly.pdbx_strand_id
1 'polypeptide(L)'
;GSHMFTKHICAICGDRSSGKHYGVYSCEGCKGFFKRTVRKDLTYTCRDNKDCLIDKRQRNRCQYCRYQKCLAMGMKREAV
QEERQRG
;
A,B
2 'polydeoxyribonucleotide' (DC)(DT)(DG)(DG)(DG)(DT)(DC)(DA)(DA)(DA)(DG)(DT)(DT)(DC)(DA)(DT)(DC) C
3 'polydeoxyribonucleotide' (DG)(DA)(DT)(DG)(DA)(DA)(DC)(DT)(DT)(DT)(DG)(DA)(DC)(DC)(DC)(DA)(DG) D
#
loop_
_chem_comp.id
_chem_comp.type
_chem_comp.name
_chem_comp.formula
DA DNA linking 2'-DEOXYADENOSINE-5'-MONOPHOSPHATE 'C10 H14 N5 O6 P'
DC DNA linking 2'-DEOXYCYTIDINE-5'-MONOPHOSPHATE 'C9 H14 N3 O7 P'
DG DNA linking 2'-DEOXYGUANOSINE-5'-MONOPHOSPHATE 'C10 H14 N5 O7 P'
DT DNA linking THYMIDINE-5'-MONOPHOSPHATE 'C10 H15 N2 O8 P'
MPO non-polymer '3[N-MORPHOLINO]PROPANE SULFONIC ACID' 'C7 H15 N O4 S'
ZN non-polymer 'ZINC ION' 'Zn 2'
#
# COMPACT_ATOMS: atom_id res chain seq x y z
N PHE A 5 18.29 3.51 14.71
CA PHE A 5 18.54 4.88 14.22
C PHE A 5 18.43 4.94 12.71
N THR A 6 17.79 6.00 12.16
CA THR A 6 17.62 6.19 10.71
C THR A 6 17.91 7.66 10.34
N LYS A 7 19.20 8.04 10.35
CA LYS A 7 19.70 9.42 10.12
C LYS A 7 20.09 9.80 8.67
N HIS A 8 20.16 8.82 7.76
N HIS A 8 20.23 8.83 7.74
CA HIS A 8 20.54 9.02 6.36
CA HIS A 8 20.61 9.10 6.33
C HIS A 8 19.31 8.88 5.48
C HIS A 8 19.34 8.95 5.49
N ILE A 9 19.42 9.13 4.14
CA ILE A 9 18.26 8.90 3.23
C ILE A 9 18.56 7.79 2.23
N CYS A 10 17.50 7.17 1.78
CA CYS A 10 17.56 6.09 0.80
C CYS A 10 17.93 6.66 -0.55
N ALA A 11 19.00 6.12 -1.17
CA ALA A 11 19.39 6.62 -2.49
C ALA A 11 18.36 6.30 -3.55
N ILE A 12 17.57 5.24 -3.34
CA ILE A 12 16.60 4.81 -4.35
C ILE A 12 15.31 5.64 -4.29
N CYS A 13 14.71 5.78 -3.11
CA CYS A 13 13.41 6.44 -2.97
C CYS A 13 13.36 7.68 -2.08
N GLY A 14 14.42 8.00 -1.33
CA GLY A 14 14.43 9.21 -0.49
C GLY A 14 13.83 9.08 0.90
N ASP A 15 13.30 7.87 1.23
CA ASP A 15 12.75 7.61 2.57
C ASP A 15 13.96 7.52 3.55
N ARG A 16 13.67 7.47 4.86
N ARG A 16 13.66 7.61 4.84
CA ARG A 16 14.71 7.35 5.90
CA ARG A 16 14.70 7.53 5.85
C ARG A 16 15.50 6.02 5.80
C ARG A 16 15.47 6.20 5.67
N SER A 17 16.71 5.99 6.37
N SER A 17 16.79 6.31 5.62
CA SER A 17 17.63 4.87 6.24
CA SER A 17 17.64 5.15 5.52
C SER A 17 18.59 4.73 7.41
C SER A 17 17.98 4.69 6.91
N SER A 18 18.83 3.49 7.86
N SER A 18 17.98 3.38 7.12
CA SER A 18 19.79 3.20 8.91
CA SER A 18 18.47 2.79 8.34
C SER A 18 21.24 3.29 8.38
C SER A 18 19.91 2.33 8.06
N GLY A 19 21.40 3.19 7.07
N GLY A 19 20.69 3.19 7.40
CA GLY A 19 22.65 3.26 6.35
CA GLY A 19 22.05 2.89 7.00
C GLY A 19 22.72 2.29 5.20
C GLY A 19 22.19 2.14 5.68
N LYS A 20 23.93 1.79 4.89
N LYS A 20 23.42 1.68 5.39
CA LYS A 20 24.10 0.87 3.77
CA LYS A 20 23.75 0.95 4.15
C LYS A 20 23.44 -0.49 3.92
C LYS A 20 23.15 -0.45 4.08
N HIS A 21 22.77 -0.91 2.87
CA HIS A 21 22.22 -2.25 2.66
C HIS A 21 22.63 -2.66 1.24
N TYR A 22 23.31 -3.80 1.12
CA TYR A 22 23.79 -4.34 -0.15
C TYR A 22 24.67 -3.30 -0.91
N GLY A 23 25.38 -2.47 -0.14
CA GLY A 23 26.33 -1.48 -0.62
C GLY A 23 25.84 -0.05 -0.75
N VAL A 24 24.55 0.21 -0.47
CA VAL A 24 23.95 1.52 -0.71
C VAL A 24 23.06 1.97 0.43
N TYR A 25 23.15 3.27 0.81
CA TYR A 25 22.23 3.82 1.78
CA TYR A 25 22.23 3.78 1.82
C TYR A 25 20.82 3.58 1.28
N SER A 26 20.01 2.81 2.02
CA SER A 26 18.65 2.50 1.60
C SER A 26 17.72 2.34 2.77
N CYS A 27 16.43 2.40 2.49
CA CYS A 27 15.42 2.24 3.51
C CYS A 27 15.11 0.74 3.67
N GLU A 28 14.34 0.42 4.69
CA GLU A 28 13.93 -0.97 4.98
C GLU A 28 13.12 -1.55 3.81
N GLY A 29 12.32 -0.71 3.16
CA GLY A 29 11.55 -1.11 1.99
C GLY A 29 12.45 -1.51 0.84
N CYS A 30 13.34 -0.66 0.43
CA CYS A 30 14.22 -0.98 -0.72
C CYS A 30 15.16 -2.19 -0.42
N LYS A 31 15.66 -2.28 0.83
CA LYS A 31 16.46 -3.42 1.30
CA LYS A 31 16.44 -3.42 1.29
C LYS A 31 15.64 -4.71 1.07
N GLY A 32 14.44 -4.76 1.65
CA GLY A 32 13.57 -5.92 1.56
C GLY A 32 13.23 -6.31 0.14
N PHE A 33 12.86 -5.32 -0.66
CA PHE A 33 12.55 -5.48 -2.08
C PHE A 33 13.72 -6.08 -2.88
N PHE A 34 14.93 -5.54 -2.69
CA PHE A 34 16.11 -6.04 -3.40
C PHE A 34 16.42 -7.46 -2.97
N LYS A 35 16.38 -7.71 -1.66
CA LYS A 35 16.59 -9.05 -1.13
C LYS A 35 15.66 -10.08 -1.78
N ARG A 36 14.35 -9.84 -1.76
CA ARG A 36 13.37 -10.78 -2.28
C ARG A 36 13.56 -10.97 -3.80
N THR A 37 13.84 -9.87 -4.52
CA THR A 37 14.08 -9.94 -5.96
C THR A 37 15.21 -10.92 -6.28
N VAL A 38 16.32 -10.75 -5.58
CA VAL A 38 17.51 -11.57 -5.78
C VAL A 38 17.28 -13.02 -5.34
N ARG A 39 16.74 -13.23 -4.12
CA ARG A 39 16.50 -14.58 -3.56
C ARG A 39 15.67 -15.49 -4.44
N LYS A 40 14.56 -14.97 -5.00
CA LYS A 40 13.65 -15.73 -5.86
CA LYS A 40 13.64 -15.72 -5.86
C LYS A 40 13.92 -15.50 -7.36
N ASP A 41 15.00 -14.75 -7.70
CA ASP A 41 15.44 -14.43 -9.06
C ASP A 41 14.26 -13.91 -9.89
N LEU A 42 13.56 -12.92 -9.36
CA LEU A 42 12.39 -12.38 -10.04
C LEU A 42 12.76 -11.43 -11.16
N THR A 43 11.92 -11.40 -12.20
CA THR A 43 12.04 -10.53 -13.36
C THR A 43 10.74 -9.74 -13.43
N TYR A 44 10.86 -8.43 -13.68
CA TYR A 44 9.73 -7.52 -13.71
C TYR A 44 9.69 -6.87 -15.07
N THR A 45 8.59 -6.20 -15.39
CA THR A 45 8.48 -5.46 -16.65
C THR A 45 7.75 -4.15 -16.40
N CYS A 46 8.16 -3.08 -17.09
CA CYS A 46 7.56 -1.76 -16.92
C CYS A 46 6.43 -1.61 -17.93
N ARG A 47 5.27 -1.11 -17.52
CA ARG A 47 4.19 -0.93 -18.49
C ARG A 47 4.30 0.40 -19.22
N ASP A 48 5.10 1.36 -18.68
CA ASP A 48 5.24 2.68 -19.29
C ASP A 48 6.56 2.90 -20.04
N ASN A 49 7.40 3.90 -19.63
CA ASN A 49 8.59 4.34 -20.35
C ASN A 49 9.94 3.90 -19.74
N LYS A 50 9.96 2.90 -18.81
CA LYS A 50 11.19 2.45 -18.15
CA LYS A 50 11.20 2.45 -18.15
C LYS A 50 11.93 3.62 -17.43
N ASP A 51 11.16 4.68 -17.06
CA ASP A 51 11.63 5.90 -16.40
C ASP A 51 10.61 6.34 -15.33
N CYS A 52 9.99 5.39 -14.60
CA CYS A 52 8.98 5.75 -13.59
C CYS A 52 9.66 6.43 -12.39
N LEU A 53 9.04 7.46 -11.82
CA LEU A 53 9.59 8.17 -10.64
CA LEU A 53 9.59 8.17 -10.65
C LEU A 53 9.51 7.31 -9.40
N ILE A 54 10.63 7.14 -8.71
CA ILE A 54 10.71 6.35 -7.49
C ILE A 54 10.92 7.28 -6.33
N ASP A 55 9.85 7.46 -5.53
CA ASP A 55 9.90 8.23 -4.28
C ASP A 55 9.10 7.41 -3.25
N LYS A 56 8.98 7.86 -2.01
CA LYS A 56 8.27 7.07 -1.00
CA LYS A 56 8.27 7.07 -1.00
C LYS A 56 6.86 6.70 -1.42
N ARG A 57 6.10 7.65 -1.90
CA ARG A 57 4.70 7.40 -2.26
CA ARG A 57 4.70 7.42 -2.29
C ARG A 57 4.57 6.47 -3.46
N GLN A 58 5.42 6.64 -4.47
CA GLN A 58 5.31 5.91 -5.75
CA GLN A 58 5.31 5.89 -5.74
C GLN A 58 6.22 4.70 -5.93
N ARG A 59 7.08 4.38 -4.95
CA ARG A 59 8.07 3.33 -5.12
C ARG A 59 7.52 1.94 -5.50
N ASN A 60 6.29 1.59 -5.06
CA ASN A 60 5.70 0.28 -5.41
C ASN A 60 4.95 0.28 -6.75
N ARG A 61 4.85 1.41 -7.46
CA ARG A 61 4.11 1.48 -8.72
CA ARG A 61 4.11 1.48 -8.72
C ARG A 61 4.72 0.59 -9.78
N CYS A 62 6.06 0.54 -9.84
CA CYS A 62 6.77 -0.18 -10.86
C CYS A 62 7.97 -0.89 -10.30
N GLN A 63 7.87 -2.20 -10.18
CA GLN A 63 8.97 -3.01 -9.65
C GLN A 63 10.16 -2.96 -10.56
N TYR A 64 9.92 -3.03 -11.88
CA TYR A 64 11.03 -2.98 -12.83
C TYR A 64 11.88 -1.73 -12.60
N CYS A 65 11.26 -0.55 -12.57
CA CYS A 65 12.01 0.68 -12.41
C CYS A 65 12.62 0.81 -10.99
N ARG A 66 11.95 0.31 -9.96
CA ARG A 66 12.52 0.32 -8.61
C ARG A 66 13.81 -0.54 -8.61
N TYR A 67 13.76 -1.71 -9.25
CA TYR A 67 14.89 -2.62 -9.31
C TYR A 67 16.06 -2.00 -10.13
N GLN A 68 15.76 -1.43 -11.33
CA GLN A 68 16.84 -0.75 -12.08
C GLN A 68 17.50 0.32 -11.25
N LYS A 69 16.70 1.10 -10.47
CA LYS A 69 17.28 2.17 -9.63
C LYS A 69 18.14 1.60 -8.49
N CYS A 70 17.75 0.47 -7.89
CA CYS A 70 18.57 -0.24 -6.88
C CYS A 70 19.94 -0.50 -7.48
N LEU A 71 19.97 -1.12 -8.68
CA LEU A 71 21.25 -1.37 -9.37
C LEU A 71 22.01 -0.07 -9.71
N ALA A 72 21.30 0.93 -10.23
CA ALA A 72 21.91 2.20 -10.65
C ALA A 72 22.62 2.91 -9.50
N MET A 73 22.07 2.79 -8.29
CA MET A 73 22.62 3.43 -7.10
CA MET A 73 22.61 3.43 -7.09
C MET A 73 23.71 2.62 -6.43
N GLY A 74 23.92 1.37 -6.87
CA GLY A 74 25.01 0.53 -6.36
C GLY A 74 24.69 -0.74 -5.63
N MET A 75 23.43 -1.13 -5.50
CA MET A 75 23.11 -2.37 -4.77
C MET A 75 23.70 -3.53 -5.52
N LYS A 76 24.31 -4.44 -4.79
CA LYS A 76 25.00 -5.58 -5.40
CA LYS A 76 25.02 -5.58 -5.37
C LYS A 76 24.32 -6.88 -5.04
N ARG A 77 23.89 -7.61 -6.06
CA ARG A 77 23.21 -8.91 -5.94
C ARG A 77 24.04 -9.90 -5.10
N GLU A 78 25.41 -9.84 -5.18
CA GLU A 78 26.34 -10.70 -4.46
CA GLU A 78 26.25 -10.78 -4.44
C GLU A 78 26.26 -10.51 -2.94
N ALA A 79 25.81 -9.32 -2.49
CA ALA A 79 25.71 -9.03 -1.06
C ALA A 79 24.47 -9.72 -0.43
N VAL A 80 23.52 -10.22 -1.22
CA VAL A 80 22.32 -10.92 -0.74
C VAL A 80 22.76 -12.36 -0.49
N GLN A 81 22.65 -12.82 0.75
CA GLN A 81 23.07 -14.16 1.14
C GLN A 81 21.99 -15.16 0.82
N GLU A 82 22.32 -16.45 0.98
CA GLU A 82 21.32 -17.48 0.76
C GLU A 82 20.40 -17.53 1.97
N GLU A 83 19.19 -18.03 1.78
CA GLU A 83 18.19 -18.18 2.84
C GLU A 83 18.73 -19.12 3.93
N ARG A 84 18.41 -18.83 5.21
CA ARG A 84 18.84 -19.65 6.35
C ARG A 84 17.80 -20.70 6.66
N THR B 6 -9.24 -6.51 19.92
CA THR B 6 -9.27 -7.48 18.83
C THR B 6 -10.68 -8.02 18.62
N LYS B 7 -11.17 -7.99 17.36
CA LYS B 7 -12.50 -8.47 17.03
C LYS B 7 -12.56 -9.22 15.69
N HIS B 8 -13.47 -10.22 15.61
CA HIS B 8 -13.69 -11.04 14.42
C HIS B 8 -14.99 -10.61 13.69
N ILE B 9 -15.58 -9.45 14.06
CA ILE B 9 -16.80 -8.90 13.46
CA ILE B 9 -16.79 -8.91 13.45
C ILE B 9 -16.41 -7.60 12.74
N CYS B 10 -16.94 -7.39 11.54
CA CYS B 10 -16.68 -6.18 10.80
C CYS B 10 -17.40 -5.04 11.50
N ALA B 11 -16.67 -4.01 11.90
CA ALA B 11 -17.28 -2.87 12.59
C ALA B 11 -18.27 -2.09 11.70
N ILE B 12 -18.15 -2.22 10.36
CA ILE B 12 -19.02 -1.51 9.45
C ILE B 12 -20.35 -2.25 9.18
N CYS B 13 -20.31 -3.52 8.80
CA CYS B 13 -21.48 -4.25 8.33
C CYS B 13 -21.89 -5.45 9.19
N GLY B 14 -21.07 -5.87 10.13
CA GLY B 14 -21.44 -7.01 10.96
C GLY B 14 -21.07 -8.38 10.43
N ASP B 15 -20.59 -8.48 9.18
CA ASP B 15 -20.11 -9.74 8.63
C ASP B 15 -18.81 -10.11 9.36
N ARG B 16 -18.33 -11.33 9.20
CA ARG B 16 -17.05 -11.73 9.80
CA ARG B 16 -17.06 -11.72 9.80
C ARG B 16 -15.94 -10.87 9.21
N SER B 17 -15.08 -10.32 10.06
CA SER B 17 -13.98 -9.49 9.58
C SER B 17 -12.89 -10.42 9.15
N SER B 18 -12.00 -9.97 8.27
CA SER B 18 -10.87 -10.79 7.85
C SER B 18 -9.55 -10.30 8.48
N GLY B 19 -9.62 -9.27 9.34
CA GLY B 19 -8.49 -8.65 10.02
C GLY B 19 -8.68 -7.15 10.08
N LYS B 20 -7.64 -6.40 10.48
CA LYS B 20 -7.69 -4.95 10.52
C LYS B 20 -7.35 -4.41 9.13
N HIS B 21 -8.17 -3.50 8.61
CA HIS B 21 -7.96 -2.85 7.31
C HIS B 21 -8.17 -1.35 7.42
N TYR B 22 -7.17 -0.56 7.04
CA TYR B 22 -7.24 0.90 7.09
C TYR B 22 -7.60 1.44 8.50
N GLY B 23 -7.27 0.70 9.56
CA GLY B 23 -7.45 1.07 10.95
C GLY B 23 -8.63 0.46 11.69
N VAL B 24 -9.47 -0.38 11.00
CA VAL B 24 -10.73 -0.94 11.54
C VAL B 24 -10.83 -2.43 11.23
N TYR B 25 -11.25 -3.23 12.24
CA TYR B 25 -11.54 -4.64 12.00
C TYR B 25 -12.71 -4.62 11.03
N SER B 26 -12.51 -5.20 9.85
CA SER B 26 -13.52 -5.13 8.80
C SER B 26 -13.41 -6.36 7.88
N CYS B 27 -14.47 -6.60 7.08
CA CYS B 27 -14.51 -7.73 6.15
C CYS B 27 -13.80 -7.34 4.86
N GLU B 28 -13.60 -8.34 3.97
CA GLU B 28 -12.96 -8.11 2.67
C GLU B 28 -13.83 -7.21 1.79
N GLY B 29 -15.15 -7.29 1.96
CA GLY B 29 -16.08 -6.44 1.23
C GLY B 29 -15.90 -4.98 1.58
N CYS B 30 -15.94 -4.64 2.85
CA CYS B 30 -15.79 -3.25 3.28
C CYS B 30 -14.38 -2.70 2.98
N LYS B 31 -13.36 -3.52 3.21
CA LYS B 31 -11.98 -3.19 2.80
C LYS B 31 -11.93 -2.82 1.30
N GLY B 32 -12.44 -3.72 0.46
CA GLY B 32 -12.39 -3.53 -0.98
C GLY B 32 -13.16 -2.31 -1.44
N PHE B 33 -14.31 -2.10 -0.85
CA PHE B 33 -15.20 -0.97 -1.17
C PHE B 33 -14.49 0.36 -0.75
N PHE B 34 -13.87 0.40 0.45
CA PHE B 34 -13.20 1.61 0.90
C PHE B 34 -12.01 1.92 -0.03
N LYS B 35 -11.22 0.89 -0.35
CA LYS B 35 -10.08 1.03 -1.25
CA LYS B 35 -10.08 1.01 -1.26
C LYS B 35 -10.53 1.61 -2.57
N ARG B 36 -11.56 1.04 -3.21
CA ARG B 36 -11.99 1.53 -4.52
C ARG B 36 -12.52 2.94 -4.46
N THR B 37 -13.28 3.26 -3.42
CA THR B 37 -13.84 4.60 -3.28
C THR B 37 -12.70 5.65 -3.20
N VAL B 38 -11.68 5.36 -2.40
CA VAL B 38 -10.60 6.31 -2.18
C VAL B 38 -9.71 6.45 -3.39
N ARG B 39 -9.33 5.32 -4.00
CA ARG B 39 -8.45 5.31 -5.17
C ARG B 39 -9.04 6.06 -6.37
N LYS B 40 -10.34 5.87 -6.63
CA LYS B 40 -11.05 6.44 -7.78
CA LYS B 40 -11.05 6.44 -7.77
CA LYS B 40 -11.03 6.46 -7.78
C LYS B 40 -11.74 7.77 -7.43
N ASP B 41 -11.62 8.26 -6.19
CA ASP B 41 -12.25 9.51 -5.73
C ASP B 41 -13.77 9.48 -5.99
N LEU B 42 -14.41 8.34 -5.69
CA LEU B 42 -15.84 8.21 -5.93
C LEU B 42 -16.63 8.93 -4.88
N THR B 43 -17.74 9.55 -5.31
CA THR B 43 -18.69 10.27 -4.47
CA THR B 43 -18.69 10.27 -4.47
C THR B 43 -20.04 9.64 -4.76
N TYR B 44 -20.82 9.40 -3.72
CA TYR B 44 -22.12 8.77 -3.80
C TYR B 44 -23.16 9.72 -3.29
N THR B 45 -24.43 9.36 -3.46
CA THR B 45 -25.59 10.13 -2.95
C THR B 45 -26.59 9.18 -2.28
N CYS B 46 -27.07 9.52 -1.06
CA CYS B 46 -28.07 8.71 -0.38
C CYS B 46 -29.42 9.02 -0.98
N ARG B 47 -30.18 7.97 -1.35
N ARG B 47 -30.15 7.99 -1.37
CA ARG B 47 -31.51 8.12 -1.92
CA ARG B 47 -31.50 8.17 -1.91
C ARG B 47 -32.54 8.38 -0.80
C ARG B 47 -32.52 8.42 -0.79
N ASP B 48 -32.24 7.93 0.44
CA ASP B 48 -33.11 8.10 1.60
C ASP B 48 -32.66 9.30 2.44
N ASN B 49 -32.37 9.15 3.76
CA ASN B 49 -32.05 10.28 4.64
C ASN B 49 -30.73 10.13 5.34
N LYS B 50 -29.68 9.59 4.62
CA LYS B 50 -28.34 9.42 5.17
C LYS B 50 -28.28 8.61 6.49
N ASP B 51 -29.16 7.62 6.64
N ASP B 51 -29.15 7.61 6.65
CA ASP B 51 -29.23 6.76 7.83
CA ASP B 51 -29.22 6.76 7.83
C ASP B 51 -29.64 5.32 7.47
C ASP B 51 -29.65 5.33 7.46
N CYS B 52 -29.16 4.82 6.32
CA CYS B 52 -29.49 3.46 5.85
C CYS B 52 -28.78 2.41 6.68
N LEU B 53 -29.46 1.28 6.94
CA LEU B 53 -28.87 0.18 7.70
C LEU B 53 -27.77 -0.47 6.89
N ILE B 54 -26.55 -0.49 7.41
CA ILE B 54 -25.43 -1.13 6.76
C ILE B 54 -25.19 -2.40 7.52
N ASP B 55 -25.72 -3.51 7.00
CA ASP B 55 -25.51 -4.82 7.61
C ASP B 55 -25.00 -5.77 6.54
N LYS B 56 -24.69 -7.02 6.89
CA LYS B 56 -24.11 -7.94 5.91
C LYS B 56 -24.93 -8.05 4.63
N ARG B 57 -26.24 -8.09 4.75
CA ARG B 57 -27.16 -8.29 3.61
C ARG B 57 -27.50 -7.01 2.86
N GLN B 58 -27.64 -5.85 3.55
CA GLN B 58 -27.98 -4.59 2.89
CA GLN B 58 -27.99 -4.57 2.91
C GLN B 58 -26.82 -3.62 2.70
N ARG B 59 -25.57 -4.01 3.02
CA ARG B 59 -24.45 -3.07 2.84
C ARG B 59 -24.29 -2.46 1.43
N ASN B 60 -24.66 -3.19 0.36
CA ASN B 60 -24.54 -2.65 -1.01
C ASN B 60 -25.69 -1.78 -1.46
N ARG B 61 -26.77 -1.70 -0.66
N ARG B 61 -26.73 -1.66 -0.64
CA ARG B 61 -27.97 -0.94 -0.99
CA ARG B 61 -27.95 -0.94 -0.97
C ARG B 61 -27.81 0.57 -0.79
C ARG B 61 -27.81 0.57 -0.77
N CYS B 62 -26.72 1.02 -0.16
CA CYS B 62 -26.43 2.44 -0.07
C CYS B 62 -24.95 2.69 0.09
N GLN B 63 -24.30 3.01 -1.02
CA GLN B 63 -22.86 3.28 -1.08
C GLN B 63 -22.49 4.50 -0.25
N TYR B 64 -23.34 5.54 -0.31
CA TYR B 64 -23.11 6.74 0.48
C TYR B 64 -23.02 6.40 1.94
N CYS B 65 -24.04 5.72 2.45
CA CYS B 65 -24.08 5.33 3.86
C CYS B 65 -23.05 4.29 4.22
N ARG B 66 -22.70 3.36 3.30
CA ARG B 66 -21.63 2.41 3.60
C ARG B 66 -20.30 3.16 3.76
N TYR B 67 -20.03 4.13 2.86
CA TYR B 67 -18.78 4.92 2.90
C TYR B 67 -18.74 5.80 4.15
N GLN B 68 -19.85 6.46 4.48
CA GLN B 68 -19.91 7.31 5.69
C GLN B 68 -19.67 6.45 6.92
N LYS B 69 -20.18 5.20 6.93
CA LYS B 69 -19.96 4.30 8.05
C LYS B 69 -18.52 3.81 8.13
N CYS B 70 -17.85 3.58 6.98
CA CYS B 70 -16.42 3.21 6.98
C CYS B 70 -15.65 4.32 7.72
N LEU B 71 -15.91 5.62 7.36
CA LEU B 71 -15.25 6.76 7.99
C LEU B 71 -15.62 6.88 9.47
N ALA B 72 -16.89 6.79 9.79
CA ALA B 72 -17.37 6.89 11.16
C ALA B 72 -16.77 5.83 12.08
N MET B 73 -16.53 4.59 11.55
CA MET B 73 -15.96 3.51 12.36
CA MET B 73 -15.96 3.50 12.34
C MET B 73 -14.44 3.60 12.45
N GLY B 74 -13.84 4.54 11.73
CA GLY B 74 -12.42 4.81 11.83
C GLY B 74 -11.53 4.50 10.65
N MET B 75 -12.08 4.06 9.47
CA MET B 75 -11.21 3.79 8.34
C MET B 75 -10.56 5.07 7.89
N LYS B 76 -9.23 5.01 7.63
CA LYS B 76 -8.40 6.16 7.28
CA LYS B 76 -8.41 6.16 7.28
C LYS B 76 -8.03 6.17 5.82
N ARG B 77 -8.43 7.22 5.11
CA ARG B 77 -8.08 7.35 3.73
C ARG B 77 -6.57 7.38 3.55
N GLU B 78 -5.81 7.95 4.52
CA GLU B 78 -4.35 8.03 4.45
CA GLU B 78 -4.35 8.03 4.48
C GLU B 78 -3.69 6.62 4.39
N ALA B 79 -4.42 5.55 4.78
CA ALA B 79 -3.87 4.19 4.75
C ALA B 79 -4.02 3.50 3.40
N VAL B 80 -4.79 4.08 2.47
CA VAL B 80 -4.96 3.54 1.12
C VAL B 80 -3.80 4.08 0.31
N GLN B 81 -3.06 3.19 -0.31
CA GLN B 81 -1.89 3.52 -1.07
C GLN B 81 -2.20 3.72 -2.55
N GLU B 82 -1.17 4.13 -3.33
CA GLU B 82 -1.29 4.27 -4.78
C GLU B 82 -1.45 2.88 -5.42
N GLU B 83 -2.24 2.79 -6.47
CA GLU B 83 -2.43 1.57 -7.24
C GLU B 83 -1.08 1.14 -7.80
N ARG B 84 -0.78 -0.16 -7.85
CA ARG B 84 0.47 -0.68 -8.40
C ARG B 84 0.24 -1.16 -9.89
N GLN B 85 1.31 -1.56 -10.62
CA GLN B 85 1.15 -2.05 -12.02
C GLN B 85 0.44 -3.40 -12.02
N ARG B 86 -0.47 -3.65 -12.99
CA ARG B 86 -1.17 -4.93 -13.08
C ARG B 86 -0.22 -5.99 -13.61
ZN ZN E . 13.95 3.29 -0.32
ZN ZN F . 8.53 1.68 -14.76
S1 MPO G . 24.92 5.98 -1.32
O1 MPO G . 24.84 4.69 -0.73
O2 MPO G . 23.80 6.81 -0.99
O4 MPO G . 28.78 5.72 -7.31
N1 MPO G . 27.22 6.30 -4.99
C1 MPO G . 24.89 5.66 -2.96
O3 MPO G . 26.34 6.66 -0.92
C2 MPO G . 24.97 6.89 -3.86
C3 MPO G . 26.37 7.32 -4.35
C4 MPO G . 28.57 6.89 -5.19
C5 MPO G . 29.46 6.06 -6.11
C6 MPO G . 27.63 4.91 -7.03
C7 MPO G . 26.64 5.77 -6.25
H11 MPO G . 23.97 5.13 -3.21
H12 MPO G . 25.72 4.99 -3.20
HO3 MPO G . 27.10 6.55 -1.51
H21 MPO G . 24.35 6.71 -4.74
H22 MPO G . 24.52 7.73 -3.33
H31 MPO G . 26.91 7.74 -3.50
H32 MPO G . 26.22 8.12 -5.06
H41 MPO G . 28.50 7.89 -5.58
H42 MPO G . 29.06 6.97 -4.22
H51 MPO G . 29.79 5.16 -5.60
H52 MPO G . 30.36 6.65 -6.35
H61 MPO G . 27.93 4.04 -6.47
H62 MPO G . 27.20 4.56 -7.97
H71 MPO G . 25.74 5.19 -6.03
H72 MPO G . 26.36 6.62 -6.88
ZN ZN H . -18.05 -5.33 6.40
ZN ZN I . -28.16 5.94 2.78
#